data_2IEW
#
_entry.id   2IEW
#
_cell.length_a   186.510
_cell.length_b   186.510
_cell.length_c   50.120
_cell.angle_alpha   90.00
_cell.angle_beta   90.00
_cell.angle_gamma   120.00
#
_symmetry.space_group_name_H-M   'P 63'
#
loop_
_entity.id
_entity.type
_entity.pdbx_description
1 polymer 'Inositol polyphosphate multikinase'
2 non-polymer 'CALCIUM ION'
3 water water
#
_entity_poly.entity_id   1
_entity_poly.type   'polypeptide(L)'
_entity_poly.pdbx_seq_one_letter_code
;MDTVNNYRVLEHKAAGHDGTLTDGDGLLIFKPAFPQELEFYKAIQVRDVSRRKSSADGDAPLCSWMPTYLGVLNEGAKIE
QSGDAALLKIDERLSDSTDNLDSIPVKSEKSKQYLVLENLLYGFSKPNILDIKLGKTLYDSKASLEKRERMKRVSETTTS
GSLGFRICGMKIQKNPSVLNQLSLEYYEEEADSDYIFINKLYGRSRTDQNVSDAIELYFNNPHLSDARKHQLKKTFLKRL
QLFYNTMLEEEVRMISSSLLFIYEGDPERWELLNDVDKLMRDDFIDDDDDDDDNDDDDDDDAEGSSEGPKDKKTTGSLSS
MSLIDFAHSEITPGKGYDENVIEGVETLLDIFMKFLEHHHHHH
;
_entity_poly.pdbx_strand_id   A,B
#
# COMPACT_ATOMS: atom_id res chain seq x y z
N GLY A 26 29.58 -6.16 17.34
CA GLY A 26 29.32 -4.87 16.61
C GLY A 26 27.88 -4.43 16.81
N LEU A 27 27.49 -4.23 18.07
CA LEU A 27 26.14 -3.78 18.39
C LEU A 27 25.91 -2.32 18.04
N LEU A 28 26.99 -1.52 18.12
CA LEU A 28 26.96 -0.06 18.02
C LEU A 28 27.78 0.51 16.87
N ILE A 29 27.34 1.69 16.42
CA ILE A 29 28.00 2.49 15.40
C ILE A 29 28.42 3.83 16.01
N PHE A 30 29.59 4.33 15.60
CA PHE A 30 30.05 5.63 16.02
C PHE A 30 30.23 6.53 14.80
N LYS A 31 29.32 7.49 14.67
CA LYS A 31 29.28 8.39 13.53
C LYS A 31 29.71 9.78 14.00
N PRO A 32 30.60 10.46 13.25
CA PRO A 32 30.94 11.82 13.67
C PRO A 32 29.68 12.66 13.84
N ALA A 33 29.60 13.41 14.95
CA ALA A 33 28.42 14.19 15.27
C ALA A 33 28.30 15.47 14.46
N PHE A 34 27.21 15.61 13.70
CA PHE A 34 26.83 16.90 13.20
C PHE A 34 25.68 17.42 14.07
N PRO A 35 25.85 18.62 14.65
CA PRO A 35 24.85 19.12 15.60
C PRO A 35 23.41 19.03 15.10
N GLN A 36 23.15 19.31 13.83
CA GLN A 36 21.77 19.22 13.34
C GLN A 36 21.22 17.78 13.35
N GLU A 37 22.08 16.81 13.07
CA GLU A 37 21.67 15.41 13.10
C GLU A 37 21.42 14.99 14.55
N LEU A 38 22.33 15.36 15.45
CA LEU A 38 22.11 15.12 16.86
C LEU A 38 20.79 15.75 17.34
N GLU A 39 20.52 16.99 16.95
CA GLU A 39 19.27 17.62 17.34
C GLU A 39 18.03 16.90 16.82
N PHE A 40 18.11 16.38 15.58
CA PHE A 40 17.00 15.61 15.02
C PHE A 40 16.71 14.31 15.78
N TYR A 41 17.76 13.55 16.12
CA TYR A 41 17.59 12.33 16.92
C TYR A 41 16.99 12.65 18.28
N LYS A 42 17.51 13.70 18.91
CA LYS A 42 17.01 14.15 20.21
C LYS A 42 15.55 14.61 20.13
N ALA A 43 15.20 15.34 19.08
CA ALA A 43 13.81 15.80 18.92
C ALA A 43 12.83 14.65 18.70
N ILE A 44 13.22 13.65 17.94
CA ILE A 44 12.34 12.50 17.68
C ILE A 44 12.26 11.54 18.88
N GLN A 45 13.43 11.09 19.35
CA GLN A 45 13.53 9.91 20.23
C GLN A 45 13.63 10.24 21.71
N GLY A 58 -3.27 3.19 13.60
CA GLY A 58 -2.05 2.76 14.26
C GLY A 58 -0.86 2.72 13.31
N ASP A 59 -0.61 3.83 12.61
CA ASP A 59 0.58 3.91 11.76
C ASP A 59 1.83 3.97 12.62
N ALA A 60 2.94 3.45 12.11
CA ALA A 60 4.17 3.48 12.87
C ALA A 60 4.69 4.92 13.02
N PRO A 61 5.24 5.28 14.21
CA PRO A 61 5.87 6.60 14.32
C PRO A 61 7.22 6.59 13.61
N LEU A 62 7.67 7.78 13.21
CA LEU A 62 8.95 7.92 12.50
C LEU A 62 10.08 7.22 13.24
N CYS A 63 10.12 7.31 14.57
CA CYS A 63 11.27 6.78 15.33
C CYS A 63 11.46 5.30 15.12
N SER A 64 10.39 4.59 14.79
CA SER A 64 10.49 3.16 14.66
C SER A 64 11.20 2.75 13.35
N TRP A 65 11.38 3.71 12.44
CA TRP A 65 12.13 3.45 11.17
C TRP A 65 13.59 3.80 11.32
N MET A 66 13.91 4.58 12.36
CA MET A 66 15.25 5.15 12.54
C MET A 66 16.11 4.19 13.35
N PRO A 67 17.46 4.26 13.21
CA PRO A 67 18.29 3.54 14.20
C PRO A 67 18.05 4.12 15.58
N THR A 68 18.19 3.30 16.63
CA THR A 68 18.09 3.82 17.96
C THR A 68 19.30 4.69 18.28
N TYR A 69 19.03 5.91 18.71
CA TYR A 69 20.07 6.82 19.14
C TYR A 69 20.35 6.58 20.64
N LEU A 70 21.61 6.35 21.01
CA LEU A 70 21.95 6.02 22.41
C LEU A 70 22.63 7.12 23.21
N GLY A 71 23.30 8.04 22.52
CA GLY A 71 24.02 9.11 23.17
C GLY A 71 25.23 9.55 22.37
N VAL A 72 26.16 10.18 23.06
CA VAL A 72 27.36 10.67 22.41
C VAL A 72 28.62 10.13 23.08
N LEU A 73 29.67 10.00 22.28
CA LEU A 73 30.98 9.67 22.79
C LEU A 73 31.94 10.79 22.43
N ASN A 74 32.76 11.22 23.38
CA ASN A 74 33.76 12.27 23.13
C ASN A 74 35.19 11.72 23.02
N GLU A 75 36.03 12.40 22.23
CA GLU A 75 37.42 11.96 21.98
C GLU A 75 38.38 12.47 23.04
N SER A 111 38.52 18.03 21.14
CA SER A 111 37.76 16.77 21.15
C SER A 111 36.89 16.59 19.90
N LYS A 112 36.76 15.33 19.48
CA LYS A 112 35.89 14.90 18.40
C LYS A 112 34.67 14.22 19.03
N GLN A 113 33.46 14.62 18.63
CA GLN A 113 32.23 13.99 19.14
C GLN A 113 31.59 13.00 18.14
N TYR A 114 31.09 11.86 18.65
CA TYR A 114 30.43 10.83 17.83
C TYR A 114 29.02 10.56 18.32
N LEU A 115 28.09 10.32 17.40
CA LEU A 115 26.78 9.81 17.74
C LEU A 115 26.93 8.33 17.92
N VAL A 116 26.32 7.79 18.98
CA VAL A 116 26.32 6.37 19.19
C VAL A 116 24.98 5.86 18.75
N LEU A 117 24.97 4.99 17.73
CA LEU A 117 23.73 4.46 17.21
C LEU A 117 23.73 2.96 17.22
N GLU A 118 22.54 2.37 17.29
CA GLU A 118 22.33 0.95 17.04
C GLU A 118 22.90 0.64 15.65
N ASN A 119 23.73 -0.40 15.54
CA ASN A 119 24.22 -0.92 14.26
C ASN A 119 23.14 -1.74 13.57
N LEU A 120 22.64 -1.22 12.45
CA LEU A 120 21.58 -1.89 11.73
C LEU A 120 21.98 -3.24 11.09
N LEU A 121 23.30 -3.43 10.92
CA LEU A 121 23.88 -4.67 10.37
C LEU A 121 23.96 -5.79 11.40
N TYR A 122 23.87 -5.44 12.69
CA TYR A 122 23.99 -6.43 13.75
C TYR A 122 23.04 -7.60 13.59
N GLY A 123 23.55 -8.82 13.71
CA GLY A 123 22.69 -10.00 13.62
C GLY A 123 22.58 -10.64 12.25
N PHE A 124 22.93 -9.90 11.19
CA PHE A 124 22.95 -10.45 9.85
C PHE A 124 24.19 -11.28 9.68
N SER A 125 24.06 -12.40 8.99
CA SER A 125 25.23 -13.21 8.65
C SER A 125 25.98 -12.65 7.43
N LYS A 126 25.27 -12.57 6.30
CA LYS A 126 25.80 -11.95 5.10
C LYS A 126 24.83 -10.82 4.71
N PRO A 127 24.94 -9.64 5.37
CA PRO A 127 24.03 -8.54 5.01
C PRO A 127 24.28 -8.07 3.58
N ASN A 128 23.21 -7.83 2.83
CA ASN A 128 23.26 -7.20 1.50
C ASN A 128 22.51 -5.85 1.57
N ILE A 129 23.22 -4.75 1.29
CA ILE A 129 22.82 -3.38 1.66
C ILE A 129 22.56 -2.51 0.45
N LEU A 130 21.44 -1.78 0.49
CA LEU A 130 21.09 -0.83 -0.55
C LEU A 130 20.74 0.50 0.11
N ASP A 131 21.45 1.57 -0.28
CA ASP A 131 21.18 2.92 0.19
C ASP A 131 20.49 3.76 -0.92
N ILE A 132 19.30 4.26 -0.63
CA ILE A 132 18.53 5.11 -1.55
C ILE A 132 18.29 6.49 -0.94
N LYS A 133 18.71 7.53 -1.64
CA LYS A 133 18.45 8.93 -1.26
C LYS A 133 17.04 9.37 -1.64
N LEU A 134 16.33 9.95 -0.68
CA LEU A 134 14.93 10.37 -0.86
C LEU A 134 14.78 11.86 -1.11
N GLY A 135 13.96 12.21 -2.09
CA GLY A 135 13.61 13.59 -2.38
C GLY A 135 13.99 14.03 -3.79
N LYS A 136 13.15 14.87 -4.40
CA LYS A 136 13.54 15.60 -5.63
C LYS A 136 14.51 16.73 -5.28
N THR A 137 14.15 17.53 -4.29
CA THR A 137 14.97 18.65 -3.80
C THR A 137 16.03 18.17 -2.82
N LEU A 138 17.27 18.57 -3.07
CA LEU A 138 18.39 17.93 -2.37
C LEU A 138 19.26 18.92 -1.60
N TYR A 139 18.70 20.10 -1.32
CA TYR A 139 19.34 21.11 -0.46
C TYR A 139 18.30 21.66 0.53
N ASP A 140 18.80 22.15 1.67
CA ASP A 140 17.96 22.82 2.67
C ASP A 140 18.25 24.33 2.65
N SER A 141 17.70 25.08 3.61
CA SER A 141 17.88 26.54 3.64
C SER A 141 19.30 26.95 4.01
N LYS A 142 19.94 26.17 4.88
CA LYS A 142 21.24 26.53 5.42
C LYS A 142 22.39 26.37 4.39
N ALA A 143 22.07 25.90 3.19
CA ALA A 143 23.06 25.59 2.15
C ALA A 143 23.60 26.84 1.46
N SER A 144 24.92 26.90 1.29
CA SER A 144 25.54 27.96 0.49
C SER A 144 25.11 27.79 -0.97
N LEU A 145 24.88 28.90 -1.66
CA LEU A 145 24.43 28.83 -3.05
C LEU A 145 25.36 28.03 -3.97
N GLU A 146 26.62 27.88 -3.56
CA GLU A 146 27.57 27.02 -4.27
C GLU A 146 27.14 25.55 -4.20
N LYS A 147 26.77 25.08 -3.01
CA LYS A 147 26.26 23.72 -2.88
C LYS A 147 24.81 23.61 -3.30
N ARG A 148 24.01 24.65 -3.06
CA ARG A 148 22.66 24.71 -3.59
C ARG A 148 22.67 24.43 -5.11
N GLU A 149 23.62 25.04 -5.81
CA GLU A 149 23.80 24.83 -7.25
C GLU A 149 24.30 23.44 -7.58
N ARG A 150 25.16 22.90 -6.73
CA ARG A 150 25.67 21.55 -6.93
C ARG A 150 24.55 20.52 -6.72
N MET A 151 23.69 20.78 -5.74
CA MET A 151 22.58 19.88 -5.41
C MET A 151 21.45 19.92 -6.43
N LYS A 152 21.22 21.08 -7.03
CA LYS A 152 20.25 21.18 -8.14
C LYS A 152 20.74 20.38 -9.35
N ARG A 153 22.04 20.44 -9.62
CA ARG A 153 22.67 19.65 -10.69
C ARG A 153 22.50 18.15 -10.45
N VAL A 154 22.82 17.69 -9.24
CA VAL A 154 22.59 16.28 -8.89
C VAL A 154 21.13 15.87 -9.11
N SER A 155 20.19 16.67 -8.62
CA SER A 155 18.80 16.36 -8.79
C SER A 155 18.41 16.28 -10.26
N GLU A 156 18.85 17.28 -11.00
CA GLU A 156 18.44 17.42 -12.39
C GLU A 156 19.00 16.32 -13.30
N THR A 157 20.12 15.72 -12.91
CA THR A 157 20.80 14.75 -13.78
C THR A 157 20.65 13.29 -13.34
N THR A 158 19.95 13.02 -12.26
CA THR A 158 19.75 11.65 -11.79
C THR A 158 18.24 11.39 -11.62
N THR A 159 17.85 10.24 -11.10
CA THR A 159 16.43 9.94 -10.89
C THR A 159 15.84 10.72 -9.72
N SER A 160 16.68 11.41 -8.94
CA SER A 160 16.20 12.23 -7.84
C SER A 160 15.16 13.22 -8.32
N GLY A 161 15.48 14.02 -9.33
CA GLY A 161 14.57 15.05 -9.81
C GLY A 161 13.32 14.57 -10.54
N SER A 162 13.42 13.41 -11.19
CA SER A 162 12.29 12.88 -11.97
C SER A 162 11.42 11.97 -11.12
N LEU A 163 12.06 11.18 -10.28
CA LEU A 163 11.39 10.11 -9.53
C LEU A 163 11.28 10.34 -8.03
N GLY A 164 12.08 11.25 -7.47
CA GLY A 164 12.05 11.46 -6.01
C GLY A 164 12.96 10.56 -5.19
N PHE A 165 13.78 9.77 -5.88
CA PHE A 165 14.76 8.94 -5.20
C PHE A 165 15.90 8.62 -6.13
N ARG A 166 17.05 8.30 -5.55
CA ARG A 166 18.11 7.72 -6.37
C ARG A 166 18.92 6.75 -5.55
N ILE A 167 19.40 5.72 -6.22
CA ILE A 167 20.40 4.80 -5.67
C ILE A 167 21.68 5.52 -5.37
N CYS A 168 22.07 5.44 -4.12
CA CYS A 168 23.31 6.03 -3.66
C CYS A 168 24.48 5.01 -3.72
N GLY A 169 24.19 3.75 -3.38
CA GLY A 169 25.20 2.71 -3.41
C GLY A 169 24.64 1.38 -2.99
N MET A 170 25.43 0.32 -3.17
CA MET A 170 25.10 -0.96 -2.57
C MET A 170 26.35 -1.68 -2.11
N LYS A 171 26.17 -2.58 -1.15
CA LYS A 171 27.19 -3.58 -0.84
C LYS A 171 26.53 -4.93 -0.81
N ILE A 172 26.87 -5.75 -1.79
CA ILE A 172 26.15 -6.99 -2.05
C ILE A 172 27.10 -8.13 -2.39
N GLN A 173 26.67 -9.36 -2.13
CA GLN A 173 27.41 -10.55 -2.53
C GLN A 173 27.39 -10.65 -4.05
N LYS A 174 28.55 -10.86 -4.65
CA LYS A 174 28.60 -10.92 -6.11
C LYS A 174 27.92 -12.14 -6.67
N ASN A 175 27.10 -11.89 -7.69
CA ASN A 175 26.42 -12.91 -8.42
C ASN A 175 27.11 -13.05 -9.79
N PRO A 176 27.73 -14.22 -10.07
CA PRO A 176 28.40 -14.37 -11.37
C PRO A 176 27.59 -13.84 -12.57
N SER A 177 26.28 -14.13 -12.62
CA SER A 177 25.38 -13.65 -13.71
C SER A 177 25.37 -12.12 -13.83
N VAL A 178 25.34 -11.45 -12.68
CA VAL A 178 25.40 -9.99 -12.60
C VAL A 178 26.75 -9.46 -13.09
N LEU A 179 27.84 -9.94 -12.47
CA LEU A 179 29.19 -9.44 -12.78
C LEU A 179 29.53 -9.45 -14.26
N ASN A 180 28.98 -10.43 -14.99
CA ASN A 180 29.24 -10.55 -16.41
C ASN A 180 28.67 -9.36 -17.20
N GLN A 181 27.58 -8.76 -16.71
CA GLN A 181 26.88 -7.67 -17.41
C GLN A 181 27.19 -6.26 -16.93
N LEU A 182 27.76 -6.15 -15.72
CA LEU A 182 28.01 -4.88 -15.08
C LEU A 182 29.39 -4.35 -15.46
N SER A 183 29.46 -3.11 -15.91
CA SER A 183 30.73 -2.46 -16.23
C SER A 183 31.67 -2.37 -15.04
N LEU A 184 32.96 -2.56 -15.31
CA LEU A 184 34.00 -2.51 -14.30
C LEU A 184 34.00 -1.17 -13.56
N GLU A 185 33.58 -0.11 -14.22
CA GLU A 185 33.63 1.21 -13.63
C GLU A 185 32.58 1.42 -12.53
N TYR A 186 31.59 0.53 -12.47
CA TYR A 186 30.47 0.67 -11.55
C TYR A 186 30.62 -0.03 -10.20
N TYR A 187 31.73 -0.74 -10.00
CA TYR A 187 31.92 -1.48 -8.76
C TYR A 187 33.38 -1.71 -8.38
N GLU A 188 33.57 -2.05 -7.11
CA GLU A 188 34.86 -2.39 -6.55
C GLU A 188 34.77 -3.77 -5.88
N GLU A 189 35.63 -4.69 -6.32
CA GLU A 189 35.70 -6.05 -5.79
C GLU A 189 36.66 -6.10 -4.61
N GLU A 190 36.97 -7.32 -4.19
CA GLU A 190 38.13 -7.68 -3.35
C GLU A 190 38.38 -9.20 -3.41
N ALA A 191 39.62 -9.60 -3.15
CA ALA A 191 39.97 -11.04 -3.06
C ALA A 191 39.50 -11.62 -1.71
N ASP A 192 39.61 -10.79 -0.67
CA ASP A 192 39.26 -11.15 0.72
C ASP A 192 37.76 -11.41 1.01
N SER A 193 36.89 -11.21 0.01
CA SER A 193 35.45 -11.48 0.16
C SER A 193 34.67 -11.72 -1.14
N ASP A 194 33.47 -12.26 -0.98
CA ASP A 194 32.48 -12.43 -2.04
C ASP A 194 31.67 -11.14 -2.33
N TYR A 195 32.00 -10.04 -1.65
CA TYR A 195 31.26 -8.79 -1.76
C TYR A 195 31.78 -7.81 -2.79
N ILE A 196 30.86 -7.15 -3.50
CA ILE A 196 31.20 -5.97 -4.29
C ILE A 196 30.57 -4.68 -3.72
N PHE A 197 31.31 -3.58 -3.81
CA PHE A 197 30.73 -2.27 -3.55
C PHE A 197 30.26 -1.64 -4.85
N ILE A 198 28.95 -1.47 -4.98
CA ILE A 198 28.41 -0.78 -6.15
C ILE A 198 28.38 0.72 -5.88
N ASN A 199 29.04 1.49 -6.75
CA ASN A 199 29.37 2.86 -6.41
C ASN A 199 28.37 3.96 -6.80
N LYS A 200 28.73 5.20 -6.48
CA LYS A 200 27.90 6.39 -6.72
C LYS A 200 27.66 6.65 -8.19
N LEU A 201 28.69 6.39 -9.01
CA LEU A 201 28.59 6.53 -10.45
C LEU A 201 27.48 5.65 -11.02
N TYR A 202 27.39 4.42 -10.53
CA TYR A 202 26.27 3.56 -10.90
C TYR A 202 24.92 4.19 -10.59
N GLY A 203 24.72 4.62 -9.34
CA GLY A 203 23.46 5.21 -8.92
C GLY A 203 23.11 6.50 -9.66
N ARG A 204 24.10 7.34 -9.92
CA ARG A 204 23.91 8.59 -10.68
C ARG A 204 23.61 8.37 -12.16
N SER A 205 24.07 7.27 -12.72
CA SER A 205 23.86 6.98 -14.13
C SER A 205 22.57 6.20 -14.41
N ARG A 206 21.90 5.72 -13.37
CA ARG A 206 20.61 5.06 -13.60
C ARG A 206 19.64 6.03 -14.23
N THR A 207 18.79 5.54 -15.12
CA THR A 207 17.81 6.39 -15.80
C THR A 207 16.44 6.00 -15.29
N ASP A 208 15.41 6.75 -15.64
CA ASP A 208 14.07 6.37 -15.21
C ASP A 208 13.71 4.97 -15.71
N GLN A 209 14.28 4.58 -16.85
CA GLN A 209 13.94 3.33 -17.53
C GLN A 209 14.64 2.10 -16.98
N ASN A 210 15.85 2.27 -16.46
CA ASN A 210 16.59 1.12 -15.99
C ASN A 210 16.75 1.07 -14.46
N VAL A 211 16.17 2.05 -13.76
CA VAL A 211 16.38 2.13 -12.32
C VAL A 211 15.69 0.95 -11.60
N SER A 212 14.55 0.53 -12.14
CA SER A 212 13.83 -0.62 -11.60
C SER A 212 14.67 -1.90 -11.69
N ASP A 213 15.32 -2.10 -12.84
CA ASP A 213 16.27 -3.20 -13.02
C ASP A 213 17.45 -3.09 -12.06
N ALA A 214 17.89 -1.89 -11.74
CA ALA A 214 18.94 -1.69 -10.75
C ALA A 214 18.50 -2.17 -9.35
N ILE A 215 17.25 -1.92 -8.98
CA ILE A 215 16.76 -2.43 -7.70
C ILE A 215 16.63 -3.95 -7.72
N GLU A 216 16.21 -4.53 -8.85
CA GLU A 216 16.04 -5.99 -8.97
C GLU A 216 17.45 -6.62 -8.91
N LEU A 217 18.49 -5.94 -9.41
CA LEU A 217 19.91 -6.37 -9.29
C LEU A 217 20.38 -6.50 -7.83
N TYR A 218 19.96 -5.54 -7.00
CA TYR A 218 20.21 -5.58 -5.55
C TYR A 218 19.76 -6.90 -4.98
N PHE A 219 18.54 -7.30 -5.32
CA PHE A 219 17.92 -8.53 -4.80
C PHE A 219 18.43 -9.81 -5.46
N ASN A 220 19.21 -9.68 -6.52
CA ASN A 220 19.62 -10.85 -7.28
C ASN A 220 20.76 -11.60 -6.60
N ASN A 221 20.50 -12.07 -5.38
CA ASN A 221 21.49 -12.81 -4.64
C ASN A 221 21.64 -14.23 -5.20
N PRO A 222 22.88 -14.66 -5.47
CA PRO A 222 23.11 -15.99 -6.03
C PRO A 222 22.77 -17.14 -5.07
N HIS A 223 22.63 -16.83 -3.78
CA HIS A 223 22.38 -17.84 -2.75
C HIS A 223 20.91 -17.99 -2.38
N LEU A 224 20.08 -17.05 -2.82
CA LEU A 224 18.66 -17.12 -2.47
C LEU A 224 17.83 -17.63 -3.62
N SER A 225 16.91 -18.54 -3.30
CA SER A 225 16.02 -19.06 -4.31
C SER A 225 15.14 -17.94 -4.84
N ASP A 226 14.53 -18.18 -6.00
CA ASP A 226 13.62 -17.22 -6.58
C ASP A 226 12.43 -16.95 -5.66
N ALA A 227 11.99 -17.97 -4.92
CA ALA A 227 10.94 -17.81 -3.91
C ALA A 227 11.35 -16.86 -2.77
N ARG A 228 12.57 -16.98 -2.27
CA ARG A 228 13.03 -16.07 -1.21
C ARG A 228 13.24 -14.62 -1.72
N LYS A 229 13.76 -14.48 -2.94
CA LYS A 229 13.96 -13.15 -3.53
C LYS A 229 12.62 -12.47 -3.68
N HIS A 230 11.62 -13.23 -4.10
CA HIS A 230 10.27 -12.71 -4.26
C HIS A 230 9.60 -12.35 -2.93
N GLN A 231 9.74 -13.22 -1.95
CA GLN A 231 9.32 -12.93 -0.58
C GLN A 231 9.86 -11.57 -0.10
N LEU A 232 11.16 -11.32 -0.30
CA LEU A 232 11.78 -10.08 0.14
C LEU A 232 11.16 -8.86 -0.56
N LYS A 233 10.96 -8.96 -1.87
CA LYS A 233 10.37 -7.87 -2.68
C LYS A 233 8.97 -7.56 -2.14
N LYS A 234 8.26 -8.61 -1.80
CA LYS A 234 6.91 -8.49 -1.25
C LYS A 234 6.89 -7.85 0.14
N THR A 235 7.82 -8.29 0.99
CA THR A 235 7.99 -7.75 2.34
C THR A 235 8.38 -6.28 2.26
N PHE A 236 9.33 -5.95 1.39
CA PHE A 236 9.74 -4.56 1.26
C PHE A 236 8.64 -3.70 0.69
N LEU A 237 7.78 -4.26 -0.15
CA LEU A 237 6.61 -3.51 -0.61
C LEU A 237 5.77 -3.13 0.59
N LYS A 238 5.53 -4.10 1.46
CA LYS A 238 4.71 -3.85 2.63
C LYS A 238 5.29 -2.80 3.57
N ARG A 239 6.61 -2.84 3.75
CA ARG A 239 7.34 -1.80 4.49
C ARG A 239 7.18 -0.44 3.84
N LEU A 240 7.24 -0.39 2.52
CA LEU A 240 7.00 0.87 1.81
C LEU A 240 5.59 1.40 1.99
N GLN A 241 4.60 0.51 2.03
CA GLN A 241 3.22 0.93 2.33
C GLN A 241 3.13 1.54 3.73
N LEU A 242 3.71 0.86 4.72
CA LEU A 242 3.78 1.35 6.10
C LEU A 242 4.57 2.65 6.24
N PHE A 243 5.65 2.81 5.47
CA PHE A 243 6.48 3.99 5.57
C PHE A 243 5.75 5.18 4.97
N TYR A 244 5.06 4.95 3.85
CA TYR A 244 4.21 5.96 3.24
C TYR A 244 3.16 6.44 4.24
N ASN A 245 2.49 5.50 4.90
CA ASN A 245 1.48 5.85 5.90
C ASN A 245 2.07 6.66 7.05
N THR A 246 3.28 6.30 7.49
CA THR A 246 3.98 7.11 8.51
C THR A 246 4.17 8.54 7.99
N MET A 247 4.68 8.67 6.77
CA MET A 247 5.00 9.98 6.22
C MET A 247 3.80 10.90 6.02
N LEU A 248 2.60 10.33 5.84
CA LEU A 248 1.38 11.15 5.79
C LEU A 248 1.09 11.84 7.11
N GLU A 249 1.61 11.27 8.19
CA GLU A 249 1.33 11.77 9.53
C GLU A 249 2.46 12.57 10.16
N GLU A 250 3.67 12.55 9.59
CA GLU A 250 4.80 13.25 10.22
C GLU A 250 5.01 14.67 9.71
N GLU A 251 5.20 15.60 10.63
CA GLU A 251 5.47 16.96 10.23
C GLU A 251 6.95 17.18 10.43
N VAL A 252 7.70 16.84 9.39
CA VAL A 252 9.14 16.91 9.40
C VAL A 252 9.53 17.44 8.04
N ARG A 253 10.76 17.95 7.92
CA ARG A 253 11.37 18.16 6.62
C ARG A 253 12.75 17.51 6.60
N MET A 254 12.93 16.55 5.73
CA MET A 254 14.16 15.76 5.66
C MET A 254 14.80 15.84 4.28
N ILE A 255 16.03 16.36 4.27
CA ILE A 255 16.75 16.61 3.04
C ILE A 255 17.94 15.67 2.98
N SER A 256 18.07 14.95 1.84
CA SER A 256 19.15 13.97 1.66
C SER A 256 19.16 12.87 2.75
N SER A 257 17.97 12.46 3.20
CA SER A 257 17.86 11.24 4.02
C SER A 257 17.90 10.03 3.09
N SER A 258 18.18 8.85 3.65
CA SER A 258 18.30 7.62 2.89
C SER A 258 17.38 6.57 3.45
N LEU A 259 16.71 5.81 2.60
CA LEU A 259 16.21 4.51 3.03
C LEU A 259 17.35 3.54 2.89
N LEU A 260 17.56 2.76 3.94
CA LEU A 260 18.59 1.74 3.99
C LEU A 260 17.89 0.40 4.00
N PHE A 261 18.12 -0.37 2.93
CA PHE A 261 17.58 -1.72 2.82
C PHE A 261 18.69 -2.69 3.20
N ILE A 262 18.35 -3.72 3.95
CA ILE A 262 19.30 -4.81 4.25
C ILE A 262 18.54 -6.13 4.15
N TYR A 263 19.16 -7.14 3.54
CA TYR A 263 18.61 -8.49 3.56
C TYR A 263 19.71 -9.52 3.81
N GLU A 264 19.27 -10.65 4.34
CA GLU A 264 20.14 -11.73 4.71
C GLU A 264 20.47 -12.55 3.48
N GLY A 265 21.74 -12.59 3.09
CA GLY A 265 22.16 -13.37 1.94
C GLY A 265 22.55 -14.80 2.24
N ASP A 266 22.59 -15.15 3.53
CA ASP A 266 23.00 -16.48 3.97
C ASP A 266 21.79 -17.39 4.14
N PRO A 267 21.63 -18.40 3.24
CA PRO A 267 20.43 -19.19 3.34
C PRO A 267 20.41 -20.15 4.54
N GLU A 268 21.55 -20.36 5.21
CA GLU A 268 21.55 -21.11 6.48
C GLU A 268 20.78 -20.31 7.54
N ARG A 269 20.89 -18.98 7.47
CA ARG A 269 20.10 -18.15 8.37
C ARG A 269 18.59 -18.16 8.01
N TRP A 270 18.27 -18.24 6.72
CA TRP A 270 16.89 -18.46 6.29
C TRP A 270 16.33 -19.78 6.83
N GLU A 271 17.16 -20.81 6.84
CA GLU A 271 16.83 -22.10 7.51
C GLU A 271 16.62 -21.93 9.01
N LEU A 272 17.57 -21.27 9.66
CA LEU A 272 17.48 -21.08 11.11
C LEU A 272 16.17 -20.40 11.51
N LEU A 273 15.75 -19.40 10.74
CA LEU A 273 14.55 -18.61 11.04
C LEU A 273 13.31 -19.11 10.30
N ASN A 274 13.42 -20.24 9.59
CA ASN A 274 12.31 -20.84 8.86
C ASN A 274 11.60 -19.90 7.88
N ASP A 275 12.40 -19.01 7.28
CA ASP A 275 11.95 -18.01 6.29
C ASP A 275 10.99 -16.97 6.85
N VAL A 276 10.90 -16.85 8.17
CA VAL A 276 10.02 -15.89 8.84
C VAL A 276 10.77 -14.59 8.98
N ASP A 277 10.21 -13.54 8.38
CA ASP A 277 10.82 -12.22 8.33
C ASP A 277 9.96 -11.11 8.90
N LYS A 278 10.30 -10.65 10.11
CA LYS A 278 9.58 -9.54 10.77
C LYS A 278 9.44 -8.25 9.96
N LEU A 279 8.20 -7.84 9.73
CA LEU A 279 7.89 -6.62 8.99
C LEU A 279 8.55 -5.40 9.65
N MET A 280 8.34 -5.26 10.96
CA MET A 280 8.98 -4.18 11.70
C MET A 280 10.14 -4.68 12.55
N ARG A 281 11.22 -3.91 12.54
CA ARG A 281 12.46 -4.22 13.23
C ARG A 281 12.24 -4.26 14.74
N ASP A 282 12.88 -5.22 15.41
CA ASP A 282 12.78 -5.35 16.87
C ASP A 282 13.32 -4.11 17.55
N ASP A 283 12.52 -3.55 18.47
CA ASP A 283 12.94 -2.43 19.30
C ASP A 283 14.26 -2.79 20.01
N PHE A 284 15.26 -1.92 19.88
CA PHE A 284 16.63 -2.21 20.31
C PHE A 284 16.83 -2.35 21.83
N ILE A 285 16.22 -1.44 22.59
CA ILE A 285 16.47 -1.35 24.03
C ILE A 285 15.54 -2.25 24.87
N ASP A 286 14.28 -2.38 24.42
CA ASP A 286 13.18 -3.10 25.12
C ASP A 286 12.33 -2.14 25.97
N SER A 317 15.47 -10.86 12.36
CA SER A 317 15.05 -10.37 11.03
C SER A 317 15.89 -10.95 9.87
N LEU A 318 15.20 -11.35 8.82
CA LEU A 318 15.87 -11.73 7.56
C LEU A 318 16.14 -10.50 6.69
N SER A 319 15.43 -9.40 6.95
CA SER A 319 15.68 -8.12 6.23
C SER A 319 15.17 -6.93 7.02
N SER A 320 15.56 -5.71 6.63
CA SER A 320 15.04 -4.51 7.29
C SER A 320 15.04 -3.34 6.32
N MET A 321 14.08 -2.42 6.49
CA MET A 321 14.15 -1.11 5.82
C MET A 321 14.19 0.00 6.88
N SER A 322 15.19 0.86 6.81
CA SER A 322 15.35 1.90 7.82
C SER A 322 15.49 3.26 7.15
N LEU A 323 15.32 4.31 7.94
CA LEU A 323 15.59 5.66 7.49
C LEU A 323 16.79 6.21 8.26
N ILE A 324 17.79 6.73 7.55
CA ILE A 324 19.01 7.22 8.19
C ILE A 324 19.43 8.57 7.61
N ASP A 325 20.46 9.18 8.20
CA ASP A 325 21.13 10.41 7.68
C ASP A 325 20.31 11.68 7.82
N PHE A 326 20.42 12.32 8.98
CA PHE A 326 19.50 13.39 9.38
C PHE A 326 20.21 14.73 9.60
N ALA A 327 21.40 14.87 9.06
CA ALA A 327 22.15 16.14 9.08
C ALA A 327 21.41 17.31 8.42
N HIS A 328 20.48 17.04 7.51
CA HIS A 328 19.68 18.12 6.90
C HIS A 328 18.20 17.89 7.14
N SER A 329 17.89 17.39 8.33
CA SER A 329 16.51 17.16 8.76
C SER A 329 16.18 18.00 9.99
N GLU A 330 14.90 18.32 10.17
CA GLU A 330 14.36 18.94 11.39
C GLU A 330 12.88 18.64 11.52
N ILE A 331 12.39 18.67 12.75
CA ILE A 331 10.95 18.51 13.03
C ILE A 331 10.30 19.84 12.71
N THR A 332 9.16 19.82 12.03
CA THR A 332 8.50 21.04 11.57
C THR A 332 7.00 20.98 11.94
N PRO A 333 6.68 21.00 13.26
CA PRO A 333 5.30 20.87 13.71
C PRO A 333 4.40 21.94 13.11
N GLY A 334 3.16 21.55 12.77
CA GLY A 334 2.20 22.45 12.17
C GLY A 334 2.34 22.61 10.66
N LYS A 335 3.47 22.20 10.09
CA LYS A 335 3.76 22.48 8.67
C LYS A 335 3.37 21.40 7.66
N GLY A 336 2.76 20.32 8.15
CA GLY A 336 2.27 19.27 7.28
C GLY A 336 3.35 18.29 6.86
N TYR A 337 2.94 17.31 6.07
CA TYR A 337 3.82 16.22 5.74
C TYR A 337 4.90 16.64 4.73
N ASP A 338 5.95 15.84 4.66
CA ASP A 338 7.10 16.08 3.79
C ASP A 338 6.78 15.59 2.40
N GLU A 339 6.24 16.47 1.56
CA GLU A 339 5.81 16.05 0.23
C GLU A 339 6.99 15.64 -0.62
N ASN A 340 8.11 16.32 -0.38
CA ASN A 340 9.35 16.06 -1.09
C ASN A 340 9.80 14.61 -0.97
N VAL A 341 9.71 14.06 0.24
CA VAL A 341 10.14 12.71 0.50
C VAL A 341 9.09 11.71 0.02
N ILE A 342 7.82 12.03 0.24
CA ILE A 342 6.74 11.09 -0.07
C ILE A 342 6.62 10.78 -1.56
N GLU A 343 6.97 11.75 -2.38
CA GLU A 343 6.98 11.59 -3.82
C GLU A 343 7.91 10.47 -4.24
N GLY A 344 9.09 10.40 -3.62
CA GLY A 344 10.05 9.30 -3.81
C GLY A 344 9.50 7.95 -3.38
N VAL A 345 8.78 7.96 -2.25
CA VAL A 345 8.13 6.77 -1.72
C VAL A 345 7.03 6.30 -2.67
N GLU A 346 6.24 7.24 -3.17
CA GLU A 346 5.22 6.89 -4.17
C GLU A 346 5.81 6.16 -5.38
N THR A 347 6.97 6.60 -5.86
CA THR A 347 7.62 5.94 -6.98
C THR A 347 8.13 4.55 -6.60
N LEU A 348 8.72 4.42 -5.42
CA LEU A 348 9.17 3.12 -4.93
C LEU A 348 8.01 2.13 -4.80
N LEU A 349 6.84 2.61 -4.37
CA LEU A 349 5.67 1.74 -4.27
C LEU A 349 5.26 1.19 -5.63
N ASP A 350 5.22 2.06 -6.64
CA ASP A 350 4.90 1.67 -8.02
C ASP A 350 5.87 0.62 -8.54
N ILE A 351 7.16 0.90 -8.36
CA ILE A 351 8.24 -0.02 -8.74
C ILE A 351 8.08 -1.38 -8.05
N PHE A 352 7.87 -1.39 -6.74
CA PHE A 352 7.76 -2.66 -6.03
C PHE A 352 6.48 -3.41 -6.34
N MET A 353 5.37 -2.70 -6.56
CA MET A 353 4.14 -3.38 -7.01
C MET A 353 4.35 -4.06 -8.38
N LYS A 354 5.06 -3.38 -9.28
CA LYS A 354 5.44 -3.96 -10.59
C LYS A 354 6.33 -5.20 -10.49
N PHE A 355 7.23 -5.25 -9.52
CA PHE A 355 8.01 -6.49 -9.29
C PHE A 355 7.08 -7.71 -9.13
N LEU A 356 5.87 -7.47 -8.63
CA LEU A 356 4.97 -8.58 -8.30
C LEU A 356 4.06 -8.97 -9.44
N GLU A 357 4.06 -8.16 -10.50
CA GLU A 357 3.31 -8.49 -11.70
C GLU A 357 3.92 -9.69 -12.42
N HIS A 358 3.03 -10.51 -12.96
CA HIS A 358 3.37 -11.69 -13.79
C HIS A 358 3.76 -12.91 -12.96
N HIS A 359 4.14 -12.67 -11.71
CA HIS A 359 4.47 -13.76 -10.79
C HIS A 359 3.21 -14.24 -10.06
N HIS A 360 2.37 -14.95 -10.79
CA HIS A 360 1.09 -15.49 -10.28
C HIS A 360 1.31 -16.55 -9.20
N ASP B 25 -31.93 -6.28 8.58
CA ASP B 25 -32.04 -5.04 9.44
C ASP B 25 -31.39 -5.29 10.80
N GLY B 26 -31.25 -6.59 11.11
CA GLY B 26 -30.67 -7.03 12.34
C GLY B 26 -29.33 -7.67 12.08
N LEU B 27 -28.98 -8.61 12.93
CA LEU B 27 -27.66 -9.22 12.96
C LEU B 27 -27.27 -9.93 11.70
N LEU B 28 -28.27 -10.58 11.09
CA LEU B 28 -28.01 -11.49 9.98
C LEU B 28 -28.84 -11.14 8.78
N ILE B 29 -28.31 -11.57 7.64
CA ILE B 29 -28.93 -11.46 6.35
C ILE B 29 -29.25 -12.88 5.90
N PHE B 30 -30.35 -13.03 5.17
CA PHE B 30 -30.78 -14.33 4.69
C PHE B 30 -30.93 -14.25 3.19
N LYS B 31 -29.88 -14.70 2.52
CA LYS B 31 -29.66 -14.42 1.13
C LYS B 31 -29.96 -15.65 0.29
N PRO B 32 -30.93 -15.53 -0.63
CA PRO B 32 -31.12 -16.64 -1.58
C PRO B 32 -29.87 -16.78 -2.46
N ALA B 33 -29.24 -17.96 -2.46
CA ALA B 33 -27.99 -18.11 -3.21
C ALA B 33 -27.97 -19.31 -4.15
N PHE B 34 -27.31 -19.13 -5.29
CA PHE B 34 -27.03 -20.23 -6.22
C PHE B 34 -25.97 -21.13 -5.58
N PRO B 35 -25.98 -22.43 -5.92
CA PRO B 35 -24.99 -23.39 -5.41
C PRO B 35 -23.52 -22.92 -5.48
N GLN B 36 -23.14 -22.22 -6.54
CA GLN B 36 -21.74 -21.78 -6.68
C GLN B 36 -21.29 -20.81 -5.58
N GLU B 37 -22.18 -19.94 -5.14
CA GLU B 37 -21.85 -18.99 -4.07
C GLU B 37 -21.72 -19.72 -2.74
N LEU B 38 -22.68 -20.62 -2.45
CA LEU B 38 -22.60 -21.51 -1.29
C LEU B 38 -21.25 -22.26 -1.20
N GLU B 39 -20.83 -22.89 -2.29
CA GLU B 39 -19.58 -23.65 -2.28
C GLU B 39 -18.38 -22.74 -2.02
N PHE B 40 -18.42 -21.51 -2.52
CA PHE B 40 -17.31 -20.57 -2.32
C PHE B 40 -17.18 -20.17 -0.86
N TYR B 41 -18.30 -19.75 -0.26
CA TYR B 41 -18.32 -19.38 1.15
C TYR B 41 -17.80 -20.51 2.05
N LYS B 42 -18.30 -21.73 1.83
CA LYS B 42 -17.86 -22.92 2.56
C LYS B 42 -16.36 -23.18 2.40
N ALA B 43 -15.89 -23.20 1.15
CA ALA B 43 -14.49 -23.51 0.84
C ALA B 43 -13.44 -22.57 1.46
N ILE B 44 -13.77 -21.28 1.63
CA ILE B 44 -12.91 -20.37 2.41
C ILE B 44 -13.21 -20.48 3.92
N GLN B 45 -14.36 -19.95 4.33
CA GLN B 45 -14.75 -19.99 5.75
C GLN B 45 -15.57 -21.24 6.06
N GLY B 58 1.97 -10.46 7.82
CA GLY B 58 0.85 -11.29 8.30
C GLY B 58 -0.49 -10.79 7.75
N ASP B 59 -0.68 -10.95 6.45
CA ASP B 59 -1.83 -10.39 5.73
C ASP B 59 -3.15 -11.00 6.16
N ALA B 60 -4.24 -10.27 5.94
CA ALA B 60 -5.55 -10.77 6.29
C ALA B 60 -5.93 -11.87 5.30
N PRO B 61 -6.58 -12.94 5.79
CA PRO B 61 -7.13 -13.94 4.88
C PRO B 61 -8.35 -13.37 4.17
N LEU B 62 -8.62 -13.87 2.96
CA LEU B 62 -9.75 -13.41 2.18
C LEU B 62 -11.08 -13.48 2.94
N CYS B 63 -11.31 -14.56 3.70
CA CYS B 63 -12.60 -14.72 4.39
C CYS B 63 -12.91 -13.59 5.37
N SER B 64 -11.87 -12.88 5.84
CA SER B 64 -12.06 -11.75 6.73
C SER B 64 -12.54 -10.44 6.06
N TRP B 65 -12.43 -10.38 4.73
CA TRP B 65 -13.03 -9.29 3.91
C TRP B 65 -14.51 -9.56 3.60
N MET B 66 -14.88 -10.84 3.63
CA MET B 66 -16.22 -11.32 3.25
C MET B 66 -17.17 -11.24 4.43
N PRO B 67 -18.49 -11.17 4.18
CA PRO B 67 -19.40 -11.29 5.32
C PRO B 67 -19.16 -12.60 6.06
N THR B 68 -19.17 -12.56 7.38
CA THR B 68 -19.09 -13.78 8.18
C THR B 68 -20.16 -14.79 7.73
N TYR B 69 -19.72 -16.03 7.48
CA TYR B 69 -20.59 -17.10 7.00
C TYR B 69 -21.00 -17.97 8.17
N LEU B 70 -22.31 -18.14 8.36
CA LEU B 70 -22.83 -18.81 9.55
C LEU B 70 -23.50 -20.12 9.21
N GLY B 71 -23.78 -20.32 7.92
CA GLY B 71 -24.33 -21.57 7.42
C GLY B 71 -25.40 -21.35 6.38
N VAL B 72 -26.23 -22.37 6.16
CA VAL B 72 -27.19 -22.38 5.06
C VAL B 72 -28.54 -22.95 5.53
N LEU B 73 -29.61 -22.61 4.80
CA LEU B 73 -30.97 -22.80 5.26
C LEU B 73 -31.87 -23.53 4.25
N ASN B 74 -32.89 -24.22 4.79
CA ASN B 74 -34.00 -24.81 4.02
C ASN B 74 -35.37 -24.30 4.51
N GLU B 75 -35.86 -23.23 3.88
CA GLU B 75 -37.16 -22.56 4.19
C GLU B 75 -37.93 -23.11 5.42
N SER B 111 -38.44 -25.61 1.13
CA SER B 111 -36.99 -25.68 1.34
C SER B 111 -36.20 -25.17 0.12
N LYS B 112 -35.88 -23.87 0.17
CA LYS B 112 -35.12 -23.16 -0.87
C LYS B 112 -33.76 -22.73 -0.28
N GLN B 113 -32.83 -22.29 -1.13
CA GLN B 113 -31.42 -22.08 -0.76
C GLN B 113 -31.06 -20.73 -0.11
N TYR B 114 -31.08 -20.63 1.23
CA TYR B 114 -30.71 -19.37 1.90
C TYR B 114 -29.36 -19.40 2.62
N LEU B 115 -28.40 -18.61 2.13
CA LEU B 115 -27.17 -18.30 2.85
C LEU B 115 -27.44 -17.41 4.06
N VAL B 116 -26.86 -17.76 5.20
CA VAL B 116 -27.00 -16.98 6.42
C VAL B 116 -25.68 -16.27 6.64
N LEU B 117 -25.70 -14.94 6.50
CA LEU B 117 -24.47 -14.13 6.58
C LEU B 117 -24.62 -13.00 7.59
N GLU B 118 -23.51 -12.57 8.16
CA GLU B 118 -23.51 -11.38 8.99
C GLU B 118 -24.01 -10.19 8.15
N ASN B 119 -24.78 -9.34 8.80
CA ASN B 119 -25.25 -8.11 8.18
C ASN B 119 -24.19 -7.03 8.28
N LEU B 120 -23.66 -6.66 7.12
CA LEU B 120 -22.59 -5.66 7.07
C LEU B 120 -23.06 -4.29 7.53
N LEU B 121 -24.37 -4.05 7.39
CA LEU B 121 -24.98 -2.79 7.84
C LEU B 121 -25.26 -2.72 9.34
N TYR B 122 -25.17 -3.86 10.02
CA TYR B 122 -25.49 -3.91 11.44
C TYR B 122 -24.62 -2.96 12.23
N GLY B 123 -25.24 -2.10 13.03
CA GLY B 123 -24.49 -1.20 13.90
C GLY B 123 -24.33 0.22 13.38
N PHE B 124 -24.62 0.43 12.10
CA PHE B 124 -24.55 1.77 11.49
C PHE B 124 -25.87 2.49 11.74
N SER B 125 -25.76 3.73 12.23
CA SER B 125 -26.93 4.59 12.38
C SER B 125 -27.38 5.06 11.00
N LYS B 126 -26.51 5.76 10.30
CA LYS B 126 -26.82 6.26 8.97
C LYS B 126 -25.78 5.79 7.93
N PRO B 127 -25.86 4.49 7.53
CA PRO B 127 -24.86 3.91 6.64
C PRO B 127 -24.97 4.49 5.23
N ASN B 128 -23.83 4.95 4.69
CA ASN B 128 -23.75 5.37 3.31
C ASN B 128 -22.95 4.34 2.52
N ILE B 129 -23.52 3.84 1.42
CA ILE B 129 -23.04 2.61 0.80
C ILE B 129 -22.60 2.84 -0.64
N LEU B 130 -21.46 2.26 -0.99
CA LEU B 130 -20.96 2.26 -2.37
C LEU B 130 -20.60 0.85 -2.80
N ASP B 131 -21.16 0.43 -3.93
CA ASP B 131 -20.89 -0.88 -4.48
C ASP B 131 -20.09 -0.70 -5.76
N ILE B 132 -18.93 -1.34 -5.82
CA ILE B 132 -18.03 -1.31 -6.98
C ILE B 132 -17.74 -2.74 -7.45
N LYS B 133 -18.07 -3.06 -8.70
CA LYS B 133 -17.70 -4.33 -9.34
C LYS B 133 -16.22 -4.36 -9.75
N LEU B 134 -15.53 -5.45 -9.39
CA LEU B 134 -14.10 -5.60 -9.65
C LEU B 134 -13.81 -6.49 -10.86
N GLY B 135 -12.81 -6.06 -11.64
CA GLY B 135 -12.36 -6.82 -12.80
C GLY B 135 -12.68 -6.19 -14.15
N LYS B 136 -11.77 -6.41 -15.11
CA LYS B 136 -11.95 -6.01 -16.51
C LYS B 136 -12.80 -7.04 -17.27
N THR B 137 -12.48 -8.32 -17.05
CA THR B 137 -13.24 -9.44 -17.58
C THR B 137 -14.47 -9.66 -16.68
N LEU B 138 -15.66 -9.75 -17.29
CA LEU B 138 -16.94 -9.75 -16.56
C LEU B 138 -17.80 -11.00 -16.76
N TYR B 139 -17.23 -11.99 -17.45
CA TYR B 139 -17.84 -13.31 -17.66
C TYR B 139 -16.93 -14.42 -17.10
N ASP B 140 -17.54 -15.53 -16.67
CA ASP B 140 -16.76 -16.68 -16.19
C ASP B 140 -16.60 -17.82 -17.23
N SER B 141 -15.83 -18.85 -16.87
CA SER B 141 -15.59 -20.02 -17.74
C SER B 141 -16.85 -20.86 -18.01
N LYS B 142 -18.00 -20.36 -17.59
CA LYS B 142 -19.27 -21.10 -17.63
C LYS B 142 -20.33 -20.37 -18.48
N ALA B 143 -20.01 -19.16 -18.91
CA ALA B 143 -20.98 -18.34 -19.64
C ALA B 143 -21.24 -18.86 -21.06
N SER B 144 -22.49 -18.76 -21.49
CA SER B 144 -22.87 -19.10 -22.87
C SER B 144 -22.44 -17.97 -23.80
N LEU B 145 -22.16 -18.32 -25.06
CA LEU B 145 -21.51 -17.40 -26.01
C LEU B 145 -22.17 -16.01 -26.14
N GLU B 146 -23.49 -15.95 -26.03
CA GLU B 146 -24.23 -14.68 -26.16
C GLU B 146 -24.20 -13.82 -24.88
N LYS B 147 -23.88 -14.46 -23.76
CA LYS B 147 -23.62 -13.75 -22.51
C LYS B 147 -22.18 -13.20 -22.52
N ARG B 148 -21.23 -14.00 -22.99
CA ARG B 148 -19.84 -13.55 -23.18
C ARG B 148 -19.75 -12.26 -23.96
N GLU B 149 -20.47 -12.21 -25.09
CA GLU B 149 -20.54 -11.04 -25.95
C GLU B 149 -21.22 -9.85 -25.29
N ARG B 150 -22.17 -10.13 -24.41
CA ARG B 150 -22.87 -9.08 -23.67
C ARG B 150 -21.95 -8.50 -22.59
N MET B 151 -21.17 -9.37 -21.94
CA MET B 151 -20.27 -8.93 -20.88
C MET B 151 -19.02 -8.25 -21.41
N LYS B 152 -18.61 -8.61 -22.63
CA LYS B 152 -17.51 -7.93 -23.31
C LYS B 152 -17.92 -6.51 -23.69
N ARG B 153 -19.21 -6.31 -23.93
CA ARG B 153 -19.73 -4.99 -24.32
C ARG B 153 -19.85 -4.05 -23.13
N VAL B 154 -20.26 -4.57 -21.98
CA VAL B 154 -20.33 -3.78 -20.74
C VAL B 154 -18.92 -3.35 -20.36
N SER B 155 -17.96 -4.26 -20.54
CA SER B 155 -16.57 -4.03 -20.21
C SER B 155 -15.94 -2.91 -21.04
N GLU B 156 -16.09 -2.98 -22.36
CA GLU B 156 -15.51 -1.96 -23.26
C GLU B 156 -16.24 -0.62 -23.29
N THR B 157 -17.49 -0.60 -22.83
CA THR B 157 -18.26 0.64 -22.81
C THR B 157 -18.35 1.26 -21.43
N THR B 158 -17.67 0.66 -20.45
CA THR B 158 -17.55 1.22 -19.08
C THR B 158 -16.10 1.26 -18.60
N THR B 159 -15.91 1.76 -17.39
CA THR B 159 -14.59 1.77 -16.75
C THR B 159 -14.08 0.38 -16.33
N SER B 160 -14.97 -0.61 -16.27
CA SER B 160 -14.54 -2.00 -16.06
C SER B 160 -13.35 -2.37 -16.95
N GLY B 161 -13.54 -2.24 -18.27
CA GLY B 161 -12.51 -2.62 -19.22
C GLY B 161 -11.21 -1.83 -19.16
N SER B 162 -11.29 -0.56 -18.79
CA SER B 162 -10.12 0.30 -18.79
C SER B 162 -9.46 0.38 -17.42
N LEU B 163 -10.27 0.41 -16.37
CA LEU B 163 -9.73 0.61 -15.02
C LEU B 163 -9.72 -0.65 -14.17
N GLY B 164 -10.57 -1.61 -14.51
CA GLY B 164 -10.67 -2.85 -13.74
C GLY B 164 -11.71 -2.74 -12.63
N PHE B 165 -12.45 -1.64 -12.60
CA PHE B 165 -13.58 -1.47 -11.70
C PHE B 165 -14.64 -0.61 -12.35
N ARG B 166 -15.85 -0.72 -11.81
CA ARG B 166 -16.90 0.23 -12.13
C ARG B 166 -17.86 0.37 -10.98
N ILE B 167 -18.50 1.53 -10.91
CA ILE B 167 -19.50 1.81 -9.90
C ILE B 167 -20.79 1.11 -10.32
N CYS B 168 -21.36 0.34 -9.40
CA CYS B 168 -22.56 -0.44 -9.65
C CYS B 168 -23.79 0.30 -9.08
N GLY B 169 -23.62 0.98 -7.95
CA GLY B 169 -24.65 1.86 -7.42
C GLY B 169 -24.25 2.42 -6.06
N MET B 170 -25.09 3.31 -5.51
CA MET B 170 -24.86 3.86 -4.16
C MET B 170 -26.14 4.08 -3.39
N LYS B 171 -26.09 3.90 -2.08
CA LYS B 171 -27.17 4.33 -1.20
C LYS B 171 -26.62 5.37 -0.22
N ILE B 172 -26.94 6.62 -0.47
CA ILE B 172 -26.35 7.74 0.24
C ILE B 172 -27.40 8.79 0.64
N GLN B 173 -27.12 9.49 1.73
CA GLN B 173 -27.89 10.66 2.18
C GLN B 173 -27.61 11.79 1.19
N LYS B 174 -28.66 12.31 0.58
CA LYS B 174 -28.48 13.33 -0.46
C LYS B 174 -27.88 14.61 0.12
N ASN B 175 -26.87 15.15 -0.57
CA ASN B 175 -26.33 16.47 -0.27
C ASN B 175 -27.13 17.45 -1.12
N PRO B 176 -27.99 18.28 -0.48
CA PRO B 176 -28.90 19.18 -1.18
C PRO B 176 -28.16 20.14 -2.14
N SER B 177 -26.90 20.44 -1.81
CA SER B 177 -26.09 21.39 -2.58
C SER B 177 -25.61 20.82 -3.93
N VAL B 178 -25.58 19.49 -4.05
CA VAL B 178 -24.98 18.83 -5.23
C VAL B 178 -26.03 18.09 -6.08
N LEU B 179 -27.23 17.89 -5.52
CA LEU B 179 -28.33 17.16 -6.18
C LEU B 179 -28.60 17.53 -7.64
N ASN B 180 -28.80 18.82 -7.89
CA ASN B 180 -29.15 19.36 -9.20
C ASN B 180 -28.17 19.00 -10.35
N GLN B 181 -26.93 18.68 -9.97
CA GLN B 181 -25.91 18.22 -10.93
C GLN B 181 -26.16 16.79 -11.42
N LEU B 182 -27.10 16.11 -10.79
CA LEU B 182 -27.37 14.72 -11.10
C LEU B 182 -28.66 14.57 -11.89
N SER B 183 -28.53 14.06 -13.12
CA SER B 183 -29.67 13.79 -13.99
C SER B 183 -30.66 12.87 -13.31
N LEU B 184 -31.94 13.14 -13.51
CA LEU B 184 -33.02 12.50 -12.76
C LEU B 184 -33.13 11.00 -13.03
N GLU B 185 -32.64 10.56 -14.17
CA GLU B 185 -32.67 9.12 -14.49
C GLU B 185 -31.39 8.37 -14.12
N TYR B 186 -30.51 9.03 -13.36
CA TYR B 186 -29.36 8.38 -12.72
C TYR B 186 -29.62 7.98 -11.27
N TYR B 187 -30.75 8.43 -10.71
CA TYR B 187 -31.08 8.13 -9.31
C TYR B 187 -32.58 8.07 -8.99
N GLU B 188 -32.89 7.37 -7.91
CA GLU B 188 -34.24 7.29 -7.35
C GLU B 188 -34.30 8.01 -6.01
N GLU B 189 -35.33 8.86 -5.88
CA GLU B 189 -35.64 9.58 -4.64
C GLU B 189 -36.33 8.65 -3.62
N GLU B 190 -36.57 9.18 -2.43
CA GLU B 190 -37.48 8.58 -1.43
C GLU B 190 -38.31 9.68 -0.75
N ALA B 191 -39.63 9.64 -0.95
CA ALA B 191 -40.56 10.63 -0.36
C ALA B 191 -40.61 10.60 1.19
N ASP B 192 -39.86 9.65 1.78
CA ASP B 192 -39.93 9.31 3.21
C ASP B 192 -38.61 9.50 3.96
N SER B 193 -37.49 9.40 3.23
CA SER B 193 -36.16 9.43 3.84
C SER B 193 -35.26 10.46 3.17
N ASP B 194 -34.11 10.73 3.79
CA ASP B 194 -33.09 11.63 3.23
C ASP B 194 -32.09 10.92 2.29
N TYR B 195 -32.39 9.68 1.91
CA TYR B 195 -31.53 8.89 1.04
C TYR B 195 -31.89 8.99 -0.44
N ILE B 196 -30.90 8.78 -1.30
CA ILE B 196 -31.14 8.51 -2.72
C ILE B 196 -30.43 7.20 -3.09
N PHE B 197 -30.95 6.52 -4.12
CA PHE B 197 -30.31 5.36 -4.71
C PHE B 197 -29.77 5.82 -6.05
N ILE B 198 -28.44 5.82 -6.17
CA ILE B 198 -27.78 6.11 -7.43
C ILE B 198 -27.61 4.79 -8.15
N ASN B 199 -28.16 4.70 -9.36
CA ASN B 199 -28.40 3.42 -10.02
C ASN B 199 -27.27 2.98 -10.96
N LYS B 200 -27.42 1.78 -11.51
CA LYS B 200 -26.45 1.16 -12.41
C LYS B 200 -26.14 2.02 -13.63
N LEU B 201 -27.13 2.80 -14.06
CA LEU B 201 -26.97 3.67 -15.22
C LEU B 201 -25.92 4.78 -14.99
N TYR B 202 -25.91 5.35 -13.79
CA TYR B 202 -24.88 6.33 -13.42
C TYR B 202 -23.49 5.69 -13.51
N GLY B 203 -23.35 4.52 -12.89
CA GLY B 203 -22.10 3.80 -12.88
C GLY B 203 -21.65 3.40 -14.26
N ARG B 204 -22.58 2.91 -15.07
CA ARG B 204 -22.30 2.52 -16.45
C ARG B 204 -21.84 3.71 -17.31
N SER B 205 -22.26 4.91 -16.92
CA SER B 205 -22.03 6.09 -17.75
C SER B 205 -20.75 6.84 -17.39
N ARG B 206 -20.18 6.55 -16.22
CA ARG B 206 -18.91 7.15 -15.81
C ARG B 206 -17.80 6.89 -16.83
N THR B 207 -16.95 7.89 -17.03
CA THR B 207 -15.77 7.72 -17.85
C THR B 207 -14.55 7.59 -16.94
N ASP B 208 -13.44 7.11 -17.51
CA ASP B 208 -12.15 7.10 -16.80
C ASP B 208 -11.83 8.49 -16.25
N GLN B 209 -12.29 9.53 -16.94
CA GLN B 209 -11.93 10.91 -16.60
C GLN B 209 -12.74 11.44 -15.40
N ASN B 210 -13.96 10.95 -15.25
CA ASN B 210 -14.85 11.43 -14.19
C ASN B 210 -15.22 10.42 -13.09
N VAL B 211 -14.75 9.17 -13.22
CA VAL B 211 -15.08 8.14 -12.21
C VAL B 211 -14.56 8.50 -10.81
N SER B 212 -13.43 9.20 -10.77
CA SER B 212 -12.80 9.60 -9.52
C SER B 212 -13.67 10.64 -8.80
N ASP B 213 -14.30 11.52 -9.57
CA ASP B 213 -15.32 12.45 -9.07
C ASP B 213 -16.59 11.79 -8.53
N ALA B 214 -17.02 10.71 -9.18
CA ALA B 214 -18.17 9.94 -8.68
C ALA B 214 -17.87 9.36 -7.30
N ILE B 215 -16.64 8.90 -7.10
CA ILE B 215 -16.22 8.36 -5.79
C ILE B 215 -16.17 9.46 -4.72
N GLU B 216 -15.63 10.63 -5.07
CA GLU B 216 -15.67 11.81 -4.20
C GLU B 216 -17.10 12.21 -3.81
N LEU B 217 -18.01 12.18 -4.79
CA LEU B 217 -19.44 12.43 -4.56
C LEU B 217 -20.01 11.50 -3.47
N TYR B 218 -19.60 10.23 -3.50
CA TYR B 218 -19.96 9.26 -2.44
C TYR B 218 -19.64 9.74 -1.03
N PHE B 219 -18.43 10.28 -0.85
CA PHE B 219 -17.97 10.77 0.44
C PHE B 219 -18.48 12.17 0.78
N ASN B 220 -19.14 12.82 -0.17
CA ASN B 220 -19.57 14.20 0.04
C ASN B 220 -20.84 14.33 0.88
N ASN B 221 -20.83 13.69 2.04
CA ASN B 221 -21.98 13.68 2.94
C ASN B 221 -22.20 15.08 3.55
N PRO B 222 -23.48 15.56 3.59
CA PRO B 222 -23.77 16.90 4.14
C PRO B 222 -23.45 17.07 5.63
N HIS B 223 -23.44 15.97 6.36
CA HIS B 223 -23.32 16.01 7.82
C HIS B 223 -21.89 15.88 8.30
N LEU B 224 -20.99 15.53 7.38
CA LEU B 224 -19.62 15.24 7.76
C LEU B 224 -18.67 16.42 7.48
N SER B 225 -17.85 16.75 8.47
CA SER B 225 -16.84 17.80 8.32
C SER B 225 -15.82 17.37 7.28
N ASP B 226 -15.07 18.32 6.74
CA ASP B 226 -14.07 17.98 5.73
C ASP B 226 -12.91 17.22 6.34
N ALA B 227 -12.66 17.46 7.62
CA ALA B 227 -11.69 16.64 8.38
C ALA B 227 -12.13 15.17 8.41
N ARG B 228 -13.42 14.92 8.65
CA ARG B 228 -13.95 13.58 8.74
C ARG B 228 -13.95 12.86 7.39
N LYS B 229 -14.26 13.59 6.32
CA LYS B 229 -14.24 13.01 5.00
C LYS B 229 -12.81 12.62 4.58
N HIS B 230 -11.85 13.47 4.93
CA HIS B 230 -10.43 13.19 4.68
C HIS B 230 -9.99 11.95 5.44
N GLN B 231 -10.32 11.88 6.73
CA GLN B 231 -10.07 10.69 7.52
C GLN B 231 -10.62 9.41 6.90
N LEU B 232 -11.85 9.46 6.39
CA LEU B 232 -12.47 8.31 5.72
C LEU B 232 -11.68 7.86 4.50
N LYS B 233 -11.30 8.82 3.66
CA LYS B 233 -10.55 8.54 2.41
C LYS B 233 -9.20 7.90 2.70
N LYS B 234 -8.54 8.39 3.75
CA LYS B 234 -7.26 7.85 4.21
C LYS B 234 -7.41 6.46 4.84
N THR B 235 -8.50 6.24 5.58
CA THR B 235 -8.77 4.92 6.13
C THR B 235 -9.03 3.92 5.01
N PHE B 236 -9.86 4.30 4.05
CA PHE B 236 -10.12 3.40 2.91
C PHE B 236 -8.89 3.13 2.11
N LEU B 237 -8.00 4.11 1.98
CA LEU B 237 -6.72 3.91 1.29
C LEU B 237 -5.98 2.75 1.93
N LYS B 238 -5.87 2.77 3.26
CA LYS B 238 -5.15 1.73 4.01
C LYS B 238 -5.82 0.35 3.94
N ARG B 239 -7.14 0.33 3.91
CA ARG B 239 -7.89 -0.91 3.66
C ARG B 239 -7.63 -1.46 2.27
N LEU B 240 -7.59 -0.57 1.28
CA LEU B 240 -7.23 -0.98 -0.08
C LEU B 240 -5.80 -1.55 -0.17
N GLN B 241 -4.87 -1.01 0.61
CA GLN B 241 -3.49 -1.54 0.69
C GLN B 241 -3.54 -2.94 1.28
N LEU B 242 -4.33 -3.11 2.35
CA LEU B 242 -4.41 -4.42 2.99
C LEU B 242 -5.10 -5.42 2.09
N PHE B 243 -6.10 -4.98 1.33
CA PHE B 243 -6.86 -5.87 0.46
C PHE B 243 -6.02 -6.29 -0.76
N TYR B 244 -5.26 -5.35 -1.32
CA TYR B 244 -4.24 -5.67 -2.34
C TYR B 244 -3.33 -6.79 -1.82
N ASN B 245 -2.76 -6.60 -0.65
CA ASN B 245 -1.83 -7.57 -0.03
C ASN B 245 -2.44 -8.96 0.12
N THR B 246 -3.69 -9.00 0.60
CA THR B 246 -4.50 -10.23 0.62
C THR B 246 -4.60 -10.88 -0.76
N MET B 247 -5.02 -10.10 -1.75
CA MET B 247 -5.25 -10.62 -3.12
C MET B 247 -3.99 -11.20 -3.76
N LEU B 248 -2.82 -10.74 -3.32
CA LEU B 248 -1.55 -11.25 -3.81
C LEU B 248 -1.28 -12.69 -3.38
N GLU B 249 -1.90 -13.05 -2.24
CA GLU B 249 -1.75 -14.35 -1.58
C GLU B 249 -2.86 -15.37 -1.87
N GLU B 250 -3.97 -14.93 -2.46
CA GLU B 250 -5.09 -15.82 -2.65
C GLU B 250 -5.13 -16.38 -4.06
N GLU B 251 -5.41 -17.67 -4.17
CA GLU B 251 -5.57 -18.32 -5.45
C GLU B 251 -7.03 -18.57 -5.68
N VAL B 252 -7.69 -17.58 -6.26
CA VAL B 252 -9.12 -17.64 -6.53
C VAL B 252 -9.32 -17.03 -7.88
N ARG B 253 -10.50 -17.21 -8.46
CA ARG B 253 -10.91 -16.44 -9.62
C ARG B 253 -12.31 -15.95 -9.35
N MET B 254 -12.48 -14.62 -9.30
CA MET B 254 -13.74 -14.03 -8.89
C MET B 254 -14.24 -13.11 -9.98
N ILE B 255 -15.43 -13.40 -10.48
CA ILE B 255 -16.03 -12.63 -11.56
C ILE B 255 -17.26 -11.92 -11.01
N SER B 256 -17.37 -10.63 -11.27
CA SER B 256 -18.50 -9.82 -10.83
C SER B 256 -18.66 -9.75 -9.30
N SER B 257 -17.58 -9.94 -8.56
CA SER B 257 -17.62 -9.64 -7.13
C SER B 257 -17.59 -8.12 -6.94
N SER B 258 -18.08 -7.67 -5.80
CA SER B 258 -18.19 -6.25 -5.49
C SER B 258 -17.33 -5.93 -4.27
N LEU B 259 -16.66 -4.78 -4.31
CA LEU B 259 -16.20 -4.13 -3.09
C LEU B 259 -17.34 -3.28 -2.59
N LEU B 260 -17.70 -3.44 -1.31
CA LEU B 260 -18.77 -2.66 -0.73
C LEU B 260 -18.16 -1.74 0.32
N PHE B 261 -18.28 -0.45 0.10
CA PHE B 261 -17.83 0.55 1.06
C PHE B 261 -19.04 0.98 1.88
N ILE B 262 -18.87 1.07 3.20
CA ILE B 262 -19.89 1.67 4.07
C ILE B 262 -19.23 2.67 5.00
N TYR B 263 -19.80 3.85 5.15
CA TYR B 263 -19.36 4.77 6.19
C TYR B 263 -20.54 5.37 6.96
N GLU B 264 -20.27 5.82 8.18
CA GLU B 264 -21.25 6.39 9.09
C GLU B 264 -21.53 7.86 8.76
N GLY B 265 -22.76 8.14 8.34
CA GLY B 265 -23.18 9.51 8.04
C GLY B 265 -23.74 10.29 9.24
N ASP B 266 -23.86 9.61 10.38
CA ASP B 266 -24.41 10.20 11.61
C ASP B 266 -23.30 10.79 12.50
N PRO B 267 -23.21 12.15 12.58
CA PRO B 267 -22.14 12.84 13.32
C PRO B 267 -22.17 12.52 14.82
N GLU B 268 -23.36 12.22 15.32
CA GLU B 268 -23.56 11.81 16.71
C GLU B 268 -22.78 10.55 17.04
N ARG B 269 -22.67 9.66 16.06
CA ARG B 269 -21.91 8.44 16.32
C ARG B 269 -20.40 8.65 16.22
N TRP B 270 -19.97 9.58 15.36
CA TRP B 270 -18.57 10.02 15.33
C TRP B 270 -18.19 10.62 16.68
N GLU B 271 -19.07 11.46 17.21
CA GLU B 271 -18.90 12.06 18.54
C GLU B 271 -18.81 11.00 19.64
N LEU B 272 -19.75 10.07 19.61
CA LEU B 272 -19.80 8.95 20.56
C LEU B 272 -18.52 8.11 20.57
N LEU B 273 -17.94 7.91 19.38
CA LEU B 273 -16.72 7.11 19.23
C LEU B 273 -15.42 7.89 19.27
N ASN B 274 -15.52 9.23 19.40
CA ASN B 274 -14.38 10.17 19.35
C ASN B 274 -13.56 10.00 18.07
N ASP B 275 -14.28 9.98 16.94
CA ASP B 275 -13.68 9.88 15.61
C ASP B 275 -12.79 8.65 15.40
N VAL B 276 -12.83 7.70 16.34
CA VAL B 276 -11.99 6.48 16.26
C VAL B 276 -12.64 5.41 15.36
N ASP B 277 -11.89 5.00 14.33
CA ASP B 277 -12.38 4.04 13.34
C ASP B 277 -11.51 2.78 13.33
N LYS B 278 -12.15 1.62 13.27
CA LYS B 278 -11.41 0.37 13.22
C LYS B 278 -10.97 0.12 11.78
N LEU B 279 -9.66 0.01 11.56
CA LEU B 279 -9.13 -0.32 10.23
C LEU B 279 -9.67 -1.66 9.71
N MET B 280 -9.48 -2.71 10.49
CA MET B 280 -10.04 -4.01 10.15
C MET B 280 -11.38 -4.26 10.84
N ARG B 281 -12.31 -4.86 10.09
CA ARG B 281 -13.68 -5.13 10.53
C ARG B 281 -13.67 -6.09 11.73
N ASP B 282 -14.71 -6.00 12.57
CA ASP B 282 -14.73 -6.71 13.86
C ASP B 282 -14.90 -8.24 13.79
N ASP B 283 -14.18 -8.94 14.69
CA ASP B 283 -14.26 -10.40 14.84
C ASP B 283 -15.64 -10.84 15.37
N PHE B 284 -16.16 -11.95 14.87
CA PHE B 284 -17.56 -12.33 15.11
C PHE B 284 -17.88 -13.82 15.38
N ILE B 285 -17.19 -14.75 14.69
CA ILE B 285 -17.58 -16.19 14.73
C ILE B 285 -16.51 -17.18 15.27
N ASP B 286 -16.95 -18.43 15.48
CA ASP B 286 -16.06 -19.58 15.77
C ASP B 286 -15.92 -20.48 14.53
N SER B 317 -17.20 0.48 14.59
CA SER B 317 -16.59 0.98 13.36
C SER B 317 -17.38 2.15 12.78
N LEU B 318 -16.69 3.12 12.18
CA LEU B 318 -17.38 4.25 11.52
C LEU B 318 -17.51 4.02 10.00
N SER B 319 -16.87 2.97 9.52
CA SER B 319 -16.87 2.61 8.11
C SER B 319 -16.27 1.21 7.95
N SER B 320 -16.51 0.59 6.79
CA SER B 320 -15.97 -0.71 6.50
C SER B 320 -15.86 -0.91 5.01
N MET B 321 -14.97 -1.81 4.63
CA MET B 321 -14.84 -2.26 3.26
C MET B 321 -14.86 -3.77 3.24
N SER B 322 -15.73 -4.33 2.42
CA SER B 322 -15.89 -5.75 2.34
C SER B 322 -16.01 -6.17 0.90
N LEU B 323 -15.86 -7.46 0.68
CA LEU B 323 -16.05 -8.05 -0.64
C LEU B 323 -17.27 -8.96 -0.59
N ILE B 324 -18.17 -8.81 -1.56
CA ILE B 324 -19.38 -9.61 -1.63
C ILE B 324 -19.65 -10.16 -3.04
N ASP B 325 -20.65 -11.05 -3.14
CA ASP B 325 -21.19 -11.59 -4.40
C ASP B 325 -20.29 -12.66 -5.00
N PHE B 326 -20.44 -13.89 -4.53
CA PHE B 326 -19.48 -14.91 -4.92
C PHE B 326 -20.07 -16.00 -5.81
N ALA B 327 -21.07 -15.62 -6.59
CA ALA B 327 -21.85 -16.52 -7.43
C ALA B 327 -21.06 -16.99 -8.65
N HIS B 328 -20.08 -16.18 -9.06
CA HIS B 328 -19.24 -16.50 -10.22
C HIS B 328 -17.78 -16.51 -9.81
N SER B 329 -17.53 -17.06 -8.62
CA SER B 329 -16.21 -17.17 -8.05
C SER B 329 -15.93 -18.65 -7.76
N GLU B 330 -14.65 -19.01 -7.80
CA GLU B 330 -14.24 -20.36 -7.44
C GLU B 330 -12.82 -20.28 -6.92
N ILE B 331 -12.50 -21.15 -5.96
CA ILE B 331 -11.14 -21.21 -5.42
C ILE B 331 -10.30 -22.07 -6.35
N THR B 332 -9.12 -21.60 -6.72
CA THR B 332 -8.36 -22.23 -7.79
C THR B 332 -6.91 -22.47 -7.36
N PRO B 333 -6.67 -23.50 -6.51
CA PRO B 333 -5.34 -23.65 -5.95
C PRO B 333 -4.34 -23.99 -7.03
N GLY B 334 -3.09 -23.58 -6.85
CA GLY B 334 -2.04 -23.79 -7.84
C GLY B 334 -2.06 -22.89 -9.06
N LYS B 335 -3.13 -22.11 -9.24
CA LYS B 335 -3.24 -21.21 -10.40
C LYS B 335 -2.84 -19.75 -10.16
N GLY B 336 -2.24 -19.46 -9.00
CA GLY B 336 -1.78 -18.10 -8.68
C GLY B 336 -2.90 -17.13 -8.36
N TYR B 337 -2.51 -15.87 -8.10
CA TYR B 337 -3.44 -14.81 -7.70
C TYR B 337 -4.37 -14.29 -8.82
N ASP B 338 -5.43 -13.60 -8.41
CA ASP B 338 -6.48 -13.14 -9.32
C ASP B 338 -6.10 -11.80 -9.94
N GLU B 339 -5.42 -11.83 -11.08
CA GLU B 339 -4.90 -10.61 -11.73
C GLU B 339 -6.03 -9.67 -12.15
N ASN B 340 -7.09 -10.25 -12.73
CA ASN B 340 -8.27 -9.52 -13.19
C ASN B 340 -8.84 -8.57 -12.11
N VAL B 341 -8.97 -9.09 -10.88
CA VAL B 341 -9.50 -8.34 -9.72
C VAL B 341 -8.47 -7.32 -9.23
N ILE B 342 -7.22 -7.76 -9.10
CA ILE B 342 -6.12 -6.95 -8.55
C ILE B 342 -5.86 -5.67 -9.32
N GLU B 343 -5.99 -5.72 -10.64
CA GLU B 343 -5.80 -4.54 -11.48
C GLU B 343 -6.85 -3.47 -11.15
N GLY B 344 -8.02 -3.92 -10.74
CA GLY B 344 -9.07 -3.03 -10.30
C GLY B 344 -8.68 -2.35 -9.01
N VAL B 345 -8.06 -3.11 -8.12
CA VAL B 345 -7.69 -2.62 -6.80
C VAL B 345 -6.55 -1.62 -6.96
N GLU B 346 -5.65 -1.90 -7.90
CA GLU B 346 -4.52 -1.01 -8.18
C GLU B 346 -4.97 0.38 -8.62
N THR B 347 -5.95 0.45 -9.51
CA THR B 347 -6.47 1.76 -9.94
C THR B 347 -7.09 2.52 -8.77
N LEU B 348 -7.84 1.80 -7.92
CA LEU B 348 -8.46 2.39 -6.73
C LEU B 348 -7.44 2.94 -5.75
N LEU B 349 -6.33 2.23 -5.56
CA LEU B 349 -5.23 2.71 -4.76
C LEU B 349 -4.68 4.04 -5.28
N ASP B 350 -4.41 4.11 -6.59
CA ASP B 350 -4.04 5.35 -7.26
C ASP B 350 -5.04 6.48 -7.04
N ILE B 351 -6.32 6.16 -7.14
CA ILE B 351 -7.37 7.15 -7.02
C ILE B 351 -7.45 7.69 -5.60
N PHE B 352 -7.44 6.78 -4.62
CA PHE B 352 -7.46 7.17 -3.21
C PHE B 352 -6.20 7.89 -2.76
N MET B 353 -5.05 7.50 -3.29
CA MET B 353 -3.83 8.26 -3.00
C MET B 353 -3.91 9.70 -3.54
N LYS B 354 -4.54 9.90 -4.70
CA LYS B 354 -4.72 11.26 -5.23
C LYS B 354 -5.60 12.10 -4.34
N PHE B 355 -6.67 11.50 -3.79
CA PHE B 355 -7.56 12.19 -2.86
C PHE B 355 -6.79 12.92 -1.78
N LEU B 356 -5.72 12.29 -1.30
CA LEU B 356 -5.02 12.80 -0.14
C LEU B 356 -4.01 13.88 -0.52
N GLU B 357 -3.70 14.00 -1.81
CA GLU B 357 -2.78 15.01 -2.31
C GLU B 357 -3.37 16.39 -2.15
#